data_2GBK
#
_entry.id   2GBK
#
_cell.length_a   30.046
_cell.length_b   45.895
_cell.length_c   54.382
_cell.angle_alpha   79.91
_cell.angle_beta   74.99
_cell.angle_gamma   81.33
#
_symmetry.space_group_name_H-M   'P 1'
#
loop_
_entity.id
_entity.type
_entity.pdbx_description
1 polymer Ubiquitin
2 water water
#
_entity_poly.entity_id   1
_entity_poly.type   'polypeptide(L)'
_entity_poly.pdbx_seq_one_letter_code
;MQIFVKTLTQVRELVGGKTITLEVEPSDTIENVKAKIQDKEGIPPDQQRLIFAGKQLEDGRTLSDYNIQKESTLHLVLRL
RGG
;
_entity_poly.pdbx_strand_id   A,B,C,D
#
# COMPACT_ATOMS: atom_id res chain seq x y z
N MET A 1 -5.72 -19.31 -16.98
CA MET A 1 -5.52 -18.13 -17.87
C MET A 1 -5.22 -16.90 -17.03
N GLN A 2 -4.05 -16.31 -17.24
CA GLN A 2 -3.66 -15.08 -16.53
C GLN A 2 -3.74 -13.88 -17.47
N ILE A 3 -4.23 -12.76 -16.94
CA ILE A 3 -4.23 -11.49 -17.66
C ILE A 3 -3.58 -10.42 -16.78
N PHE A 4 -3.07 -9.37 -17.42
CA PHE A 4 -2.40 -8.28 -16.72
C PHE A 4 -3.28 -7.03 -16.68
N VAL A 5 -3.20 -6.29 -15.58
CA VAL A 5 -3.94 -5.05 -15.42
C VAL A 5 -3.02 -3.95 -14.91
N LYS A 6 -3.01 -2.82 -15.60
CA LYS A 6 -2.19 -1.69 -15.19
C LYS A 6 -2.86 -0.35 -15.50
N THR A 7 -2.37 0.71 -14.84
CA THR A 7 -2.86 2.05 -15.08
C THR A 7 -2.25 2.61 -16.37
N LEU A 8 -2.70 3.78 -16.80
CA LEU A 8 -2.16 4.43 -17.99
C LEU A 8 -0.70 4.81 -17.83
N THR A 9 0.03 4.85 -18.94
CA THR A 9 1.46 5.14 -18.93
C THR A 9 1.77 6.46 -18.21
N GLN A 10 1.04 7.51 -18.55
CA GLN A 10 1.28 8.83 -17.94
C GLN A 10 1.03 8.86 -16.43
N VAL A 11 0.11 8.04 -15.94
CA VAL A 11 -0.13 7.90 -14.52
C VAL A 11 1.06 7.22 -13.84
N ARG A 12 1.51 6.11 -14.44
CA ARG A 12 2.70 5.40 -13.95
C ARG A 12 3.97 6.24 -14.04
N GLU A 13 4.09 7.02 -15.10
CA GLU A 13 5.26 7.88 -15.28
C GLU A 13 5.42 8.85 -14.11
N LEU A 14 4.30 9.39 -13.63
CA LEU A 14 4.31 10.35 -12.53
C LEU A 14 4.40 9.68 -11.16
N VAL A 15 3.45 8.80 -10.86
CA VAL A 15 3.29 8.25 -9.51
C VAL A 15 3.73 6.78 -9.35
N GLY A 16 4.09 6.12 -10.45
CA GLY A 16 4.53 4.73 -10.38
C GLY A 16 3.39 3.75 -10.17
N GLY A 17 3.71 2.62 -9.55
CA GLY A 17 2.73 1.56 -9.31
C GLY A 17 3.09 0.28 -10.07
N LYS A 18 2.35 -0.79 -9.79
CA LYS A 18 2.66 -2.11 -10.31
C LYS A 18 1.61 -2.60 -11.30
N THR A 19 2.00 -3.60 -12.09
CA THR A 19 1.08 -4.33 -12.95
C THR A 19 0.54 -5.52 -12.15
N ILE A 20 -0.78 -5.63 -12.08
CA ILE A 20 -1.42 -6.73 -11.34
C ILE A 20 -1.74 -7.90 -12.27
N THR A 21 -1.50 -9.11 -11.77
CA THR A 21 -1.82 -10.33 -12.50
C THR A 21 -3.10 -10.96 -11.92
N LEU A 22 -4.05 -11.26 -12.80
CA LEU A 22 -5.33 -11.86 -12.40
C LEU A 22 -5.50 -13.25 -12.99
N GLU A 23 -5.88 -14.20 -12.13
CA GLU A 23 -6.26 -15.54 -12.58
C GLU A 23 -7.71 -15.51 -13.03
N VAL A 24 -7.95 -15.68 -14.33
CA VAL A 24 -9.29 -15.55 -14.91
C VAL A 24 -9.65 -16.75 -15.78
N GLU A 25 -10.90 -16.78 -16.24
CA GLU A 25 -11.38 -17.76 -17.22
C GLU A 25 -11.94 -17.03 -18.44
N PRO A 26 -11.92 -17.67 -19.61
CA PRO A 26 -12.51 -17.07 -20.81
C PRO A 26 -13.97 -16.63 -20.64
N SER A 27 -14.73 -17.36 -19.82
CA SER A 27 -16.16 -17.08 -19.61
C SER A 27 -16.44 -16.05 -18.51
N ASP A 28 -15.40 -15.56 -17.82
CA ASP A 28 -15.59 -14.54 -16.79
C ASP A 28 -16.13 -13.25 -17.38
N THR A 29 -17.16 -12.70 -16.75
CA THR A 29 -17.71 -11.40 -17.15
C THR A 29 -16.78 -10.28 -16.70
N ILE A 30 -17.01 -9.08 -17.22
CA ILE A 30 -16.18 -7.92 -16.86
C ILE A 30 -16.43 -7.54 -15.39
N GLU A 31 -17.66 -7.73 -14.92
CA GLU A 31 -17.99 -7.53 -13.50
C GLU A 31 -17.28 -8.54 -12.58
N ASN A 32 -17.07 -9.76 -13.07
CA ASN A 32 -16.25 -10.75 -12.35
C ASN A 32 -14.82 -10.23 -12.20
N VAL A 33 -14.27 -9.71 -13.29
CA VAL A 33 -12.89 -9.20 -13.32
C VAL A 33 -12.69 -8.01 -12.38
N LYS A 34 -13.64 -7.07 -12.38
CA LYS A 34 -13.56 -5.90 -11.50
C LYS A 34 -13.64 -6.30 -10.03
N ALA A 35 -14.41 -7.34 -9.71
CA ALA A 35 -14.48 -7.90 -8.36
C ALA A 35 -13.15 -8.53 -7.93
N LYS A 36 -12.46 -9.19 -8.87
CA LYS A 36 -11.14 -9.76 -8.58
C LYS A 36 -10.13 -8.64 -8.30
N ILE A 37 -10.25 -7.54 -9.03
CA ILE A 37 -9.44 -6.34 -8.79
C ILE A 37 -9.78 -5.74 -7.42
N GLN A 38 -11.07 -5.70 -7.09
CA GLN A 38 -11.53 -5.25 -5.77
C GLN A 38 -10.93 -6.12 -4.65
N ASP A 39 -10.98 -7.44 -4.85
CA ASP A 39 -10.44 -8.39 -3.87
C ASP A 39 -8.93 -8.18 -3.67
N LYS A 40 -8.24 -7.82 -4.76
CA LYS A 40 -6.80 -7.59 -4.73
C LYS A 40 -6.45 -6.22 -4.14
N GLU A 41 -7.07 -5.18 -4.68
CA GLU A 41 -6.66 -3.79 -4.43
C GLU A 41 -7.62 -2.98 -3.55
N GLY A 42 -8.81 -3.50 -3.29
CA GLY A 42 -9.81 -2.79 -2.49
C GLY A 42 -10.59 -1.72 -3.23
N ILE A 43 -10.34 -1.55 -4.53
CA ILE A 43 -10.97 -0.50 -5.32
C ILE A 43 -12.40 -0.90 -5.70
N PRO A 44 -13.41 -0.10 -5.32
CA PRO A 44 -14.80 -0.42 -5.65
C PRO A 44 -15.04 -0.55 -7.16
N PRO A 45 -15.72 -1.63 -7.60
CA PRO A 45 -15.94 -1.86 -9.04
C PRO A 45 -16.72 -0.73 -9.70
N ASP A 46 -17.63 -0.11 -8.96
CA ASP A 46 -18.41 1.02 -9.45
C ASP A 46 -17.53 2.15 -9.99
N GLN A 47 -16.37 2.36 -9.35
CA GLN A 47 -15.44 3.42 -9.76
C GLN A 47 -14.35 2.93 -10.72
N GLN A 48 -14.40 1.66 -11.10
CA GLN A 48 -13.45 1.08 -12.07
C GLN A 48 -13.98 1.12 -13.49
N ARG A 49 -13.10 1.38 -14.44
CA ARG A 49 -13.38 1.18 -15.85
C ARG A 49 -12.18 0.49 -16.52
N LEU A 50 -12.44 -0.58 -17.26
CA LEU A 50 -11.39 -1.34 -17.93
C LEU A 50 -11.35 -1.04 -19.42
N ILE A 51 -10.15 -0.99 -19.97
CA ILE A 51 -9.93 -0.68 -21.37
C ILE A 51 -9.06 -1.76 -22.03
N PHE A 52 -9.50 -2.23 -23.21
CA PHE A 52 -8.72 -3.18 -24.00
C PHE A 52 -8.66 -2.69 -25.44
N ALA A 53 -7.45 -2.57 -25.98
CA ALA A 53 -7.24 -2.12 -27.36
C ALA A 53 -7.91 -0.78 -27.65
N GLY A 54 -7.92 0.11 -26.66
CA GLY A 54 -8.49 1.45 -26.81
C GLY A 54 -9.96 1.60 -26.49
N LYS A 55 -10.69 0.49 -26.44
CA LYS A 55 -12.15 0.53 -26.26
C LYS A 55 -12.57 0.16 -24.84
N GLN A 56 -13.63 0.81 -24.37
CA GLN A 56 -14.20 0.56 -23.04
C GLN A 56 -14.97 -0.75 -23.03
N LEU A 57 -14.82 -1.52 -21.95
CA LEU A 57 -15.51 -2.81 -21.80
C LEU A 57 -16.75 -2.66 -20.93
N GLU A 58 -17.84 -3.34 -21.32
CA GLU A 58 -19.10 -3.27 -20.58
C GLU A 58 -19.32 -4.52 -19.70
N ASP A 59 -19.92 -4.29 -18.53
CA ASP A 59 -19.92 -5.27 -17.42
C ASP A 59 -20.52 -6.65 -17.76
N GLY A 60 -21.61 -6.65 -18.50
CA GLY A 60 -22.33 -7.88 -18.82
C GLY A 60 -21.62 -8.82 -19.79
N ARG A 61 -20.67 -8.28 -20.57
CA ARG A 61 -19.94 -9.07 -21.55
C ARG A 61 -18.82 -9.89 -20.90
N THR A 62 -18.46 -11.01 -21.52
CA THR A 62 -17.37 -11.86 -21.05
C THR A 62 -16.04 -11.44 -21.67
N LEU A 63 -14.94 -11.98 -21.13
CA LEU A 63 -13.62 -11.76 -21.70
C LEU A 63 -13.53 -12.28 -23.14
N SER A 64 -14.16 -13.43 -23.39
CA SER A 64 -14.15 -14.04 -24.72
C SER A 64 -14.90 -13.21 -25.76
N ASP A 65 -15.92 -12.46 -25.34
CA ASP A 65 -16.64 -11.56 -26.24
C ASP A 65 -15.70 -10.50 -26.83
N TYR A 66 -14.73 -10.05 -26.04
CA TYR A 66 -13.75 -9.06 -26.47
C TYR A 66 -12.46 -9.67 -27.00
N ASN A 67 -12.43 -10.99 -27.11
CA ASN A 67 -11.24 -11.74 -27.54
C ASN A 67 -10.00 -11.44 -26.69
N ILE A 68 -10.23 -11.25 -25.39
CA ILE A 68 -9.15 -11.10 -24.42
C ILE A 68 -8.63 -12.48 -24.06
N GLN A 69 -7.37 -12.74 -24.43
CA GLN A 69 -6.78 -14.07 -24.31
C GLN A 69 -5.71 -14.11 -23.22
N LYS A 70 -5.08 -15.27 -23.07
CA LYS A 70 -3.94 -15.46 -22.16
C LYS A 70 -2.88 -14.37 -22.34
N GLU A 71 -2.39 -13.84 -21.21
CA GLU A 71 -1.35 -12.82 -21.18
C GLU A 71 -1.74 -11.48 -21.84
N SER A 72 -3.04 -11.24 -21.98
CA SER A 72 -3.53 -9.94 -22.46
C SER A 72 -3.34 -8.90 -21.36
N THR A 73 -3.19 -7.65 -21.78
CA THR A 73 -3.07 -6.53 -20.85
C THR A 73 -4.30 -5.64 -20.97
N LEU A 74 -4.95 -5.36 -19.84
CA LEU A 74 -6.04 -4.40 -19.77
C LEU A 74 -5.54 -3.18 -19.01
N HIS A 75 -6.08 -2.01 -19.34
CA HIS A 75 -5.78 -0.79 -18.61
C HIS A 75 -6.95 -0.42 -17.70
N LEU A 76 -6.63 -0.05 -16.46
CA LEU A 76 -7.63 0.31 -15.45
C LEU A 76 -7.55 1.81 -15.21
N VAL A 77 -8.72 2.46 -15.17
CA VAL A 77 -8.81 3.89 -14.93
C VAL A 77 -9.94 4.18 -13.96
N LEU A 78 -9.87 5.36 -13.33
CA LEU A 78 -10.89 5.78 -12.36
C LEU A 78 -12.06 6.49 -13.04
N ARG A 79 -13.26 6.25 -12.51
CA ARG A 79 -14.43 7.00 -12.92
C ARG A 79 -15.25 7.34 -11.67
N LEU A 80 -15.26 8.62 -11.31
CA LEU A 80 -15.98 9.07 -10.12
C LEU A 80 -17.47 9.19 -10.42
N ARG A 81 -18.29 8.67 -9.51
CA ARG A 81 -19.74 8.57 -9.71
C ARG A 81 -20.46 9.88 -9.37
N GLY A 82 -20.08 10.50 -8.26
CA GLY A 82 -20.73 11.71 -7.78
C GLY A 82 -22.06 11.41 -7.13
N MET B 1 10.47 -29.43 2.88
CA MET B 1 11.23 -28.37 2.17
C MET B 1 11.63 -27.26 3.13
N GLN B 2 12.86 -26.79 3.01
CA GLN B 2 13.39 -25.72 3.86
C GLN B 2 13.52 -24.42 3.05
N ILE B 3 12.91 -23.35 3.53
CA ILE B 3 13.08 -22.02 2.93
C ILE B 3 13.55 -21.02 3.98
N PHE B 4 14.08 -19.88 3.51
CA PHE B 4 14.61 -18.83 4.39
C PHE B 4 13.80 -17.55 4.27
N VAL B 5 13.68 -16.82 5.39
CA VAL B 5 13.00 -15.53 5.41
C VAL B 5 13.93 -14.49 6.05
N LYS B 6 14.11 -13.37 5.35
CA LYS B 6 14.94 -12.26 5.84
C LYS B 6 14.22 -10.94 5.69
N THR B 7 14.65 -9.95 6.47
CA THR B 7 14.24 -8.56 6.24
C THR B 7 15.09 -7.98 5.11
N LEU B 8 14.79 -6.77 4.68
CA LEU B 8 15.53 -6.14 3.58
C LEU B 8 16.97 -5.80 3.97
N THR B 9 17.86 -5.82 2.98
CA THR B 9 19.28 -5.55 3.20
C THR B 9 19.54 -4.18 3.81
N GLN B 10 18.86 -3.15 3.28
CA GLN B 10 19.00 -1.79 3.81
C GLN B 10 18.63 -1.73 5.31
N VAL B 11 17.64 -2.51 5.72
CA VAL B 11 17.24 -2.58 7.13
C VAL B 11 18.30 -3.30 7.96
N ARG B 12 18.77 -4.45 7.47
CA ARG B 12 19.78 -5.25 8.16
C ARG B 12 21.10 -4.52 8.39
N GLU B 13 21.51 -3.72 7.41
CA GLU B 13 22.75 -2.95 7.53
C GLU B 13 22.65 -1.86 8.61
N LEU B 14 21.44 -1.41 8.90
CA LEU B 14 21.22 -0.37 9.90
C LEU B 14 21.02 -0.94 11.30
N VAL B 15 20.25 -2.02 11.43
CA VAL B 15 19.88 -2.56 12.74
C VAL B 15 20.27 -4.02 12.99
N GLY B 16 20.83 -4.69 11.98
CA GLY B 16 21.16 -6.11 12.10
C GLY B 16 19.93 -7.00 11.97
N GLY B 17 20.04 -8.22 12.52
CA GLY B 17 18.92 -9.17 12.49
C GLY B 17 19.33 -10.50 11.89
N LYS B 18 18.48 -11.51 12.08
CA LYS B 18 18.81 -12.89 11.71
C LYS B 18 17.90 -13.41 10.60
N THR B 19 18.40 -14.37 9.84
CA THR B 19 17.60 -15.09 8.87
C THR B 19 16.89 -16.22 9.62
N ILE B 20 15.60 -16.42 9.33
CA ILE B 20 14.85 -17.52 9.92
C ILE B 20 14.60 -18.61 8.89
N THR B 21 14.68 -19.86 9.33
CA THR B 21 14.48 -21.02 8.46
C THR B 21 13.13 -21.69 8.78
N LEU B 22 12.30 -21.86 7.75
CA LEU B 22 10.97 -22.45 7.90
C LEU B 22 10.87 -23.78 7.18
N GLU B 23 10.21 -24.75 7.81
CA GLU B 23 9.88 -26.03 7.17
C GLU B 23 8.52 -25.90 6.50
N VAL B 24 8.49 -26.03 5.18
CA VAL B 24 7.26 -25.91 4.41
C VAL B 24 7.16 -26.98 3.33
N GLU B 25 6.02 -27.01 2.65
CA GLU B 25 5.80 -27.86 1.48
C GLU B 25 5.48 -26.98 0.27
N PRO B 26 5.83 -27.45 -0.95
CA PRO B 26 5.49 -26.69 -2.16
C PRO B 26 4.00 -26.40 -2.34
N SER B 27 3.15 -27.21 -1.74
CA SER B 27 1.69 -27.02 -1.80
C SER B 27 1.14 -26.09 -0.70
N ASP B 28 2.00 -25.62 0.20
CA ASP B 28 1.56 -24.69 1.25
C ASP B 28 1.24 -23.32 0.67
N THR B 29 0.18 -22.70 1.18
CA THR B 29 -0.22 -21.36 0.76
C THR B 29 0.62 -20.31 1.48
N ILE B 30 0.56 -19.08 0.99
CA ILE B 30 1.30 -17.97 1.62
C ILE B 30 0.71 -17.65 2.99
N GLU B 31 -0.60 -17.86 3.16
CA GLU B 31 -1.26 -17.80 4.47
C GLU B 31 -0.61 -18.78 5.47
N ASN B 32 -0.39 -20.01 5.02
CA ASN B 32 0.26 -21.03 5.85
C ASN B 32 1.65 -20.57 6.27
N VAL B 33 2.38 -19.95 5.34
CA VAL B 33 3.74 -19.48 5.60
C VAL B 33 3.76 -18.32 6.61
N LYS B 34 2.83 -17.39 6.44
CA LYS B 34 2.70 -16.26 7.38
C LYS B 34 2.36 -16.75 8.80
N ALA B 35 1.51 -17.79 8.87
CA ALA B 35 1.18 -18.43 10.16
C ALA B 35 2.42 -19.01 10.84
N LYS B 36 3.28 -19.68 10.06
CA LYS B 36 4.52 -20.23 10.59
C LYS B 36 5.47 -19.13 11.09
N ILE B 37 5.52 -18.02 10.36
CA ILE B 37 6.31 -16.86 10.76
C ILE B 37 5.81 -16.27 12.09
N GLN B 38 4.49 -16.27 12.30
CA GLN B 38 3.91 -15.83 13.57
C GLN B 38 4.31 -16.75 14.73
N ASP B 39 4.40 -18.05 14.47
CA ASP B 39 4.85 -19.00 15.50
C ASP B 39 6.28 -18.72 15.94
N LYS B 40 7.16 -18.41 15.00
CA LYS B 40 8.58 -18.22 15.30
C LYS B 40 8.93 -16.80 15.80
N GLU B 41 8.37 -15.77 15.16
CA GLU B 41 8.73 -14.38 15.49
C GLU B 41 7.60 -13.53 16.09
N GLY B 42 6.37 -14.06 16.11
CA GLY B 42 5.25 -13.37 16.76
C GLY B 42 4.64 -12.20 15.99
N ILE B 43 5.03 -12.02 14.74
CA ILE B 43 4.53 -10.91 13.92
C ILE B 43 3.16 -11.30 13.34
N PRO B 44 2.11 -10.49 13.62
CA PRO B 44 0.76 -10.80 13.12
C PRO B 44 0.69 -10.96 11.59
N PRO B 45 0.05 -12.03 11.09
CA PRO B 45 -0.13 -12.26 9.65
C PRO B 45 -0.63 -11.05 8.87
N ASP B 46 -1.58 -10.32 9.45
CA ASP B 46 -2.14 -9.12 8.81
C ASP B 46 -1.09 -8.02 8.59
N GLN B 47 -0.06 -7.99 9.43
CA GLN B 47 1.02 -7.00 9.30
C GLN B 47 2.22 -7.51 8.52
N GLN B 48 2.16 -8.75 8.03
CA GLN B 48 3.25 -9.34 7.26
C GLN B 48 3.02 -9.19 5.76
N ARG B 49 4.06 -8.84 5.04
CA ARG B 49 4.05 -8.89 3.58
C ARG B 49 5.31 -9.61 3.09
N LEU B 50 5.12 -10.68 2.33
CA LEU B 50 6.23 -11.48 1.81
C LEU B 50 6.50 -11.13 0.35
N ILE B 51 7.79 -11.07 0.01
CA ILE B 51 8.22 -10.74 -1.35
C ILE B 51 9.24 -11.76 -1.85
N PHE B 52 9.06 -12.18 -3.10
CA PHE B 52 9.95 -13.14 -3.74
C PHE B 52 10.21 -12.70 -5.17
N ALA B 53 11.49 -12.55 -5.53
CA ALA B 53 11.88 -12.08 -6.85
C ALA B 53 11.25 -10.71 -7.17
N GLY B 54 11.23 -9.82 -6.19
CA GLY B 54 10.68 -8.47 -6.35
C GLY B 54 9.16 -8.38 -6.45
N LYS B 55 8.46 -9.49 -6.20
CA LYS B 55 7.01 -9.56 -6.35
C LYS B 55 6.34 -9.83 -5.00
N GLN B 56 5.33 -9.03 -4.66
CA GLN B 56 4.55 -9.24 -3.43
C GLN B 56 3.64 -10.46 -3.59
N LEU B 57 3.69 -11.37 -2.62
CA LEU B 57 2.97 -12.64 -2.70
C LEU B 57 1.55 -12.51 -2.14
N GLU B 58 0.61 -13.23 -2.77
CA GLU B 58 -0.80 -13.23 -2.35
C GLU B 58 -1.11 -14.43 -1.46
N ASP B 59 -1.96 -14.21 -0.45
CA ASP B 59 -2.27 -15.22 0.58
C ASP B 59 -2.83 -16.53 0.02
N GLY B 60 -3.65 -16.44 -1.02
CA GLY B 60 -4.37 -17.60 -1.54
C GLY B 60 -3.55 -18.57 -2.38
N ARG B 61 -2.44 -18.08 -2.94
CA ARG B 61 -1.63 -18.90 -3.85
C ARG B 61 -0.62 -19.76 -3.09
N THR B 62 -0.15 -20.82 -3.74
CA THR B 62 0.82 -21.74 -3.14
C THR B 62 2.25 -21.33 -3.44
N LEU B 63 3.19 -21.92 -2.72
CA LEU B 63 4.61 -21.63 -2.94
C LEU B 63 5.05 -22.05 -4.34
N SER B 64 4.54 -23.20 -4.80
CA SER B 64 4.85 -23.70 -6.15
C SER B 64 4.27 -22.82 -7.27
N ASP B 65 3.18 -22.11 -6.99
CA ASP B 65 2.62 -21.15 -7.96
C ASP B 65 3.62 -20.03 -8.26
N TYR B 66 4.40 -19.63 -7.25
CA TYR B 66 5.41 -18.57 -7.40
C TYR B 66 6.80 -19.14 -7.72
N ASN B 67 6.89 -20.44 -7.95
CA ASN B 67 8.15 -21.11 -8.25
C ASN B 67 9.16 -21.01 -7.09
N ILE B 68 8.65 -21.05 -5.87
CA ILE B 68 9.49 -21.01 -4.67
C ILE B 68 9.97 -22.42 -4.37
N GLN B 69 11.29 -22.60 -4.36
CA GLN B 69 11.89 -23.93 -4.26
C GLN B 69 12.72 -24.08 -2.97
N LYS B 70 13.28 -25.28 -2.80
CA LYS B 70 14.19 -25.60 -1.70
C LYS B 70 15.26 -24.51 -1.54
N GLU B 71 15.44 -24.05 -0.29
CA GLU B 71 16.42 -23.01 0.06
C GLU B 71 16.25 -21.68 -0.69
N SER B 72 15.03 -21.38 -1.12
CA SER B 72 14.70 -20.07 -1.66
C SER B 72 14.64 -19.05 -0.52
N THR B 73 14.89 -17.78 -0.85
CA THR B 73 14.85 -16.71 0.15
C THR B 73 13.68 -15.76 -0.12
N LEU B 74 12.79 -15.65 0.86
CA LEU B 74 11.71 -14.68 0.83
C LEU B 74 12.12 -13.50 1.71
N HIS B 75 11.64 -12.31 1.38
CA HIS B 75 11.89 -11.13 2.19
C HIS B 75 10.60 -10.70 2.88
N LEU B 76 10.71 -10.31 4.15
CA LEU B 76 9.58 -9.92 4.97
C LEU B 76 9.65 -8.43 5.31
N VAL B 77 8.55 -7.72 5.09
CA VAL B 77 8.42 -6.30 5.48
C VAL B 77 7.10 -6.09 6.21
N LEU B 78 6.93 -4.89 6.77
CA LEU B 78 5.72 -4.53 7.52
C LEU B 78 4.71 -3.73 6.69
N ARG B 79 3.43 -3.98 6.95
CA ARG B 79 2.32 -3.23 6.40
C ARG B 79 1.47 -2.76 7.59
N LEU B 80 1.70 -1.51 8.03
CA LEU B 80 1.00 -0.97 9.20
C LEU B 80 -0.45 -0.66 8.87
N ARG B 81 -1.36 -1.22 9.67
CA ARG B 81 -2.79 -0.93 9.55
C ARG B 81 -3.08 0.51 9.98
N GLY B 82 -2.31 1.01 10.95
CA GLY B 82 -2.39 2.40 11.37
C GLY B 82 -3.71 2.73 12.07
N MET C 1 -14.07 25.94 3.27
CA MET C 1 -13.41 26.08 1.95
C MET C 1 -13.77 24.90 1.06
N GLN C 2 -14.19 25.20 -0.17
CA GLN C 2 -14.53 24.17 -1.15
C GLN C 2 -13.41 23.98 -2.16
N ILE C 3 -13.08 22.72 -2.44
CA ILE C 3 -12.18 22.39 -3.55
C ILE C 3 -12.82 21.30 -4.40
N PHE C 4 -12.28 21.12 -5.60
CA PHE C 4 -12.78 20.12 -6.53
C PHE C 4 -11.74 19.04 -6.77
N VAL C 5 -12.22 17.82 -6.99
CA VAL C 5 -11.35 16.70 -7.31
C VAL C 5 -11.91 15.99 -8.54
N LYS C 6 -11.06 15.77 -9.54
CA LYS C 6 -11.48 15.04 -10.73
C LYS C 6 -10.33 14.21 -11.29
N THR C 7 -10.67 13.24 -12.14
CA THR C 7 -9.67 12.42 -12.81
C THR C 7 -8.98 13.22 -13.90
N LEU C 8 -7.92 12.67 -14.48
CA LEU C 8 -7.21 13.35 -15.57
C LEU C 8 -8.11 13.46 -16.82
N THR C 9 -7.85 14.47 -17.64
CA THR C 9 -8.65 14.74 -18.83
C THR C 9 -8.67 13.56 -19.82
N GLN C 10 -7.52 12.90 -19.98
CA GLN C 10 -7.43 11.75 -20.87
C GLN C 10 -8.35 10.61 -20.41
N VAL C 11 -8.43 10.40 -19.11
CA VAL C 11 -9.34 9.39 -18.53
C VAL C 11 -10.80 9.78 -18.77
N ARG C 12 -11.15 11.02 -18.42
CA ARG C 12 -12.54 11.50 -18.54
C ARG C 12 -13.05 11.52 -19.97
N GLU C 13 -12.19 11.86 -20.93
CA GLU C 13 -12.61 11.87 -22.33
C GLU C 13 -12.95 10.47 -22.83
N LEU C 14 -12.28 9.45 -22.29
CA LEU C 14 -12.55 8.07 -22.67
C LEU C 14 -13.83 7.54 -22.01
N VAL C 15 -13.90 7.64 -20.68
CA VAL C 15 -14.94 6.96 -19.89
C VAL C 15 -15.95 7.88 -19.20
N GLY C 16 -15.71 9.20 -19.23
CA GLY C 16 -16.58 10.15 -18.53
C GLY C 16 -16.31 10.16 -17.04
N GLY C 17 -17.32 10.56 -16.27
CA GLY C 17 -17.20 10.66 -14.81
C GLY C 17 -17.51 12.08 -14.35
N LYS C 18 -17.58 12.26 -13.03
CA LYS C 18 -17.99 13.53 -12.44
C LYS C 18 -16.89 14.17 -11.60
N THR C 19 -16.96 15.49 -11.45
CA THR C 19 -16.10 16.22 -10.54
C THR C 19 -16.77 16.22 -9.17
N ILE C 20 -16.00 15.92 -8.12
CA ILE C 20 -16.55 15.87 -6.76
C ILE C 20 -16.10 17.09 -5.95
N THR C 21 -17.04 17.68 -5.20
CA THR C 21 -16.75 18.83 -4.35
C THR C 21 -16.49 18.37 -2.93
N LEU C 22 -15.36 18.79 -2.36
CA LEU C 22 -14.99 18.46 -0.99
C LEU C 22 -15.02 19.69 -0.08
N GLU C 23 -15.48 19.49 1.16
CA GLU C 23 -15.48 20.52 2.19
C GLU C 23 -14.23 20.38 3.05
N VAL C 24 -13.30 21.31 2.91
CA VAL C 24 -12.02 21.26 3.62
C VAL C 24 -11.69 22.59 4.30
N GLU C 25 -10.54 22.64 4.96
CA GLU C 25 -9.98 23.88 5.47
C GLU C 25 -8.49 23.93 5.11
N PRO C 26 -7.93 25.14 4.99
CA PRO C 26 -6.52 25.28 4.59
C PRO C 26 -5.52 24.54 5.49
N SER C 27 -5.90 24.31 6.75
CA SER C 27 -5.04 23.60 7.70
C SER C 27 -5.11 22.06 7.59
N ASP C 28 -6.04 21.55 6.79
CA ASP C 28 -6.17 20.09 6.61
C ASP C 28 -4.96 19.52 5.86
N THR C 29 -4.58 18.29 6.23
CA THR C 29 -3.49 17.59 5.55
C THR C 29 -4.01 16.86 4.33
N ILE C 30 -3.10 16.40 3.48
CA ILE C 30 -3.46 15.64 2.28
C ILE C 30 -4.05 14.28 2.66
N GLU C 31 -3.54 13.68 3.73
CA GLU C 31 -4.11 12.44 4.28
C GLU C 31 -5.57 12.62 4.72
N ASN C 32 -5.86 13.77 5.34
CA ASN C 32 -7.24 14.11 5.69
C ASN C 32 -8.10 14.21 4.43
N VAL C 33 -7.57 14.83 3.38
CA VAL C 33 -8.26 14.95 2.09
C VAL C 33 -8.53 13.58 1.47
N LYS C 34 -7.52 12.70 1.50
CA LYS C 34 -7.67 11.34 1.00
C LYS C 34 -8.76 10.55 1.75
N ALA C 35 -8.86 10.78 3.07
CA ALA C 35 -9.92 10.16 3.88
C ALA C 35 -11.31 10.64 3.45
N LYS C 36 -11.43 11.93 3.13
CA LYS C 36 -12.69 12.50 2.65
C LYS C 36 -13.08 11.95 1.27
N ILE C 37 -12.09 11.70 0.42
CA ILE C 37 -12.34 11.06 -0.88
C ILE C 37 -12.86 9.63 -0.69
N GLN C 38 -12.25 8.89 0.25
CA GLN C 38 -12.70 7.54 0.57
C GLN C 38 -14.14 7.53 1.08
N ASP C 39 -14.50 8.55 1.87
CA ASP C 39 -15.86 8.73 2.37
C ASP C 39 -16.89 8.84 1.24
N LYS C 40 -16.55 9.61 0.20
CA LYS C 40 -17.47 9.90 -0.89
C LYS C 40 -17.48 8.86 -2.00
N GLU C 41 -16.30 8.36 -2.38
CA GLU C 41 -16.17 7.45 -3.53
C GLU C 41 -15.65 6.04 -3.21
N GLY C 42 -15.22 5.81 -1.97
CA GLY C 42 -14.81 4.47 -1.52
C GLY C 42 -13.43 4.01 -1.97
N ILE C 43 -12.61 4.93 -2.47
CA ILE C 43 -11.28 4.59 -2.96
C ILE C 43 -10.29 4.59 -1.78
N PRO C 44 -9.56 3.48 -1.59
CA PRO C 44 -8.61 3.43 -0.46
C PRO C 44 -7.43 4.41 -0.60
N PRO C 45 -7.07 5.13 0.48
CA PRO C 45 -5.97 6.10 0.45
C PRO C 45 -4.65 5.56 -0.14
N ASP C 46 -4.32 4.31 0.15
CA ASP C 46 -3.17 3.63 -0.45
C ASP C 46 -3.18 3.72 -1.97
N GLN C 47 -4.36 3.60 -2.57
CA GLN C 47 -4.52 3.62 -4.03
C GLN C 47 -4.66 5.04 -4.61
N GLN C 48 -4.90 6.03 -3.75
CA GLN C 48 -5.09 7.42 -4.18
C GLN C 48 -3.77 8.17 -4.29
N ARG C 49 -3.59 8.91 -5.38
CA ARG C 49 -2.53 9.90 -5.49
C ARG C 49 -3.10 11.21 -6.01
N LEU C 50 -2.86 12.30 -5.27
CA LEU C 50 -3.40 13.62 -5.61
C LEU C 50 -2.33 14.49 -6.27
N ILE C 51 -2.75 15.26 -7.26
CA ILE C 51 -1.85 16.09 -8.05
C ILE C 51 -2.35 17.53 -8.12
N PHE C 52 -1.46 18.48 -7.83
CA PHE C 52 -1.78 19.91 -7.93
C PHE C 52 -0.58 20.66 -8.52
N ALA C 53 -0.86 21.55 -9.47
CA ALA C 53 0.19 22.30 -10.18
C ALA C 53 1.25 21.35 -10.79
N GLY C 54 0.80 20.21 -11.30
CA GLY C 54 1.69 19.21 -11.90
C GLY C 54 2.51 18.38 -10.92
N LYS C 55 2.35 18.61 -9.63
CA LYS C 55 3.14 17.92 -8.59
C LYS C 55 2.31 16.90 -7.83
N GLN C 56 2.90 15.74 -7.55
CA GLN C 56 2.30 14.76 -6.64
C GLN C 56 2.38 15.29 -5.21
N LEU C 57 1.24 15.31 -4.52
CA LEU C 57 1.16 15.84 -3.15
C LEU C 57 1.52 14.75 -2.14
N GLU C 58 2.29 15.11 -1.11
CA GLU C 58 2.63 14.16 -0.04
C GLU C 58 1.68 14.29 1.15
N ASP C 59 1.54 13.19 1.88
CA ASP C 59 0.47 13.01 2.86
C ASP C 59 0.54 13.93 4.07
N GLY C 60 1.74 14.15 4.59
CA GLY C 60 1.93 14.91 5.84
C GLY C 60 1.74 16.41 5.74
N ARG C 61 1.74 16.95 4.51
CA ARG C 61 1.70 18.39 4.30
C ARG C 61 0.26 18.93 4.24
N THR C 62 0.10 20.20 4.60
CA THR C 62 -1.22 20.85 4.60
C THR C 62 -1.54 21.42 3.21
N LEU C 63 -2.83 21.63 2.96
CA LEU C 63 -3.28 22.23 1.69
C LEU C 63 -2.72 23.64 1.51
N SER C 64 -2.67 24.42 2.58
CA SER C 64 -2.09 25.77 2.53
C SER C 64 -0.61 25.73 2.14
N ASP C 65 0.08 24.66 2.53
CA ASP C 65 1.49 24.50 2.20
C ASP C 65 1.73 24.44 0.69
N TYR C 66 0.79 23.82 -0.03
CA TYR C 66 0.84 23.74 -1.50
C TYR C 66 0.13 24.90 -2.20
N ASN C 67 -0.27 25.92 -1.43
CA ASN C 67 -1.02 27.06 -1.97
C ASN C 67 -2.33 26.65 -2.64
N ILE C 68 -2.99 25.64 -2.08
CA ILE C 68 -4.28 25.19 -2.57
C ILE C 68 -5.38 26.06 -1.97
N GLN C 69 -6.03 26.86 -2.81
CA GLN C 69 -6.97 27.90 -2.38
C GLN C 69 -8.42 27.45 -2.60
N LYS C 70 -9.36 28.34 -2.29
CA LYS C 70 -10.78 28.06 -2.51
C LYS C 70 -11.03 27.85 -4.01
N GLU C 71 -11.90 26.89 -4.32
CA GLU C 71 -12.19 26.48 -5.70
C GLU C 71 -11.00 25.94 -6.49
N SER C 72 -9.94 25.50 -5.81
CA SER C 72 -8.81 24.85 -6.47
C SER C 72 -9.21 23.44 -6.92
N THR C 73 -8.61 22.97 -8.01
CA THR C 73 -8.88 21.64 -8.54
C THR C 73 -7.66 20.74 -8.37
N LEU C 74 -7.86 19.61 -7.69
CA LEU C 74 -6.83 18.57 -7.59
C LEU C 74 -7.20 17.45 -8.54
N HIS C 75 -6.20 16.79 -9.11
CA HIS C 75 -6.42 15.61 -9.94
C HIS C 75 -6.12 14.34 -9.16
N LEU C 76 -7.04 13.38 -9.22
CA LEU C 76 -6.92 12.10 -8.55
C LEU C 76 -6.63 11.02 -9.59
N VAL C 77 -5.60 10.21 -9.33
CA VAL C 77 -5.27 9.06 -10.17
C VAL C 77 -5.09 7.81 -9.31
N LEU C 78 -5.10 6.65 -9.97
CA LEU C 78 -4.85 5.36 -9.31
C LEU C 78 -3.36 5.04 -9.28
N ARG C 79 -2.91 4.48 -8.15
CA ARG C 79 -1.61 3.81 -8.08
C ARG C 79 -1.82 2.40 -7.54
N LEU C 80 -1.59 1.40 -8.38
CA LEU C 80 -1.77 0.00 -7.99
C LEU C 80 -0.60 -0.50 -7.12
N ARG C 81 -0.94 -1.32 -6.13
CA ARG C 81 -0.03 -1.71 -5.06
C ARG C 81 0.33 -3.20 -5.01
N GLY C 82 -0.59 -4.06 -5.41
CA GLY C 82 -0.54 -5.49 -5.04
C GLY C 82 0.26 -6.44 -5.90
N GLY C 83 0.36 -6.17 -7.19
CA GLY C 83 0.98 -7.09 -8.14
C GLY C 83 0.10 -8.30 -8.39
N MET D 1 2.02 14.85 24.10
CA MET D 1 2.87 14.96 22.89
C MET D 1 2.45 13.90 21.87
N GLN D 2 2.32 14.29 20.61
CA GLN D 2 1.96 13.38 19.52
C GLN D 2 3.15 13.17 18.60
N ILE D 3 3.44 11.89 18.34
CA ILE D 3 4.55 11.49 17.47
C ILE D 3 4.01 10.60 16.35
N PHE D 4 4.65 10.67 15.19
CA PHE D 4 4.28 9.85 14.04
C PHE D 4 5.25 8.67 13.89
N VAL D 5 4.73 7.52 13.51
CA VAL D 5 5.56 6.34 13.26
C VAL D 5 5.21 5.74 11.90
N LYS D 6 6.20 5.69 11.01
CA LYS D 6 6.05 5.15 9.65
C LYS D 6 7.04 4.01 9.42
N THR D 7 6.77 3.19 8.41
CA THR D 7 7.75 2.27 7.87
C THR D 7 8.61 3.02 6.86
N LEU D 8 9.68 2.38 6.39
CA LEU D 8 10.59 3.00 5.42
C LEU D 8 9.87 3.30 4.10
N THR D 9 10.40 4.27 3.35
CA THR D 9 9.78 4.70 2.10
C THR D 9 9.75 3.59 1.05
N GLN D 10 10.84 2.83 0.95
CA GLN D 10 10.91 1.72 -0.01
C GLN D 10 9.92 0.60 0.34
N VAL D 11 9.66 0.41 1.64
CA VAL D 11 8.66 -0.54 2.10
C VAL D 11 7.26 -0.03 1.78
N ARG D 12 7.03 1.25 2.08
CA ARG D 12 5.71 1.87 1.91
C ARG D 12 5.31 2.03 0.44
N GLU D 13 6.28 2.28 -0.44
CA GLU D 13 6.02 2.33 -1.87
C GLU D 13 5.67 0.93 -2.41
N LEU D 14 6.31 -0.10 -1.85
CA LEU D 14 6.10 -1.47 -2.30
C LEU D 14 4.75 -2.03 -1.86
N VAL D 15 4.47 -1.98 -0.56
CA VAL D 15 3.30 -2.64 0.02
C VAL D 15 2.27 -1.70 0.67
N GLY D 16 2.50 -0.39 0.59
CA GLY D 16 1.58 0.57 1.18
C GLY D 16 1.60 0.55 2.71
N GLY D 17 0.52 1.05 3.31
CA GLY D 17 0.40 1.11 4.76
C GLY D 17 0.16 2.53 5.25
N LYS D 18 -0.16 2.66 6.53
CA LYS D 18 -0.52 3.96 7.10
C LYS D 18 0.45 4.41 8.19
N THR D 19 0.49 5.71 8.42
CA THR D 19 1.28 6.31 9.50
C THR D 19 0.50 6.19 10.80
N ILE D 20 1.20 5.78 11.86
CA ILE D 20 0.60 5.64 13.18
C ILE D 20 0.83 6.92 13.96
N THR D 21 -0.18 7.34 14.73
CA THR D 21 -0.04 8.47 15.65
C THR D 21 0.00 7.94 17.09
N LEU D 22 1.05 8.30 17.82
CA LEU D 22 1.22 7.86 19.21
C LEU D 22 1.13 9.04 20.18
N GLU D 23 0.32 8.88 21.22
CA GLU D 23 0.29 9.84 22.32
C GLU D 23 1.38 9.46 23.31
N VAL D 24 2.38 10.33 23.45
CA VAL D 24 3.55 10.06 24.26
C VAL D 24 3.92 11.28 25.11
N GLU D 25 4.95 11.12 25.94
CA GLU D 25 5.48 12.22 26.73
C GLU D 25 6.99 12.29 26.56
N PRO D 26 7.60 13.46 26.84
CA PRO D 26 9.05 13.60 26.71
C PRO D 26 9.85 12.57 27.51
N SER D 27 9.35 12.20 28.69
CA SER D 27 10.05 11.30 29.60
C SER D 27 9.85 9.80 29.29
N ASP D 28 9.00 9.48 28.31
CA ASP D 28 8.75 8.09 27.93
C ASP D 28 10.01 7.44 27.36
N THR D 29 10.29 6.21 27.82
CA THR D 29 11.43 5.44 27.32
C THR D 29 11.10 4.83 25.97
N ILE D 30 12.13 4.42 25.25
CA ILE D 30 11.94 3.81 23.93
C ILE D 30 11.19 2.48 24.04
N GLU D 31 11.46 1.75 25.12
CA GLU D 31 10.72 0.53 25.46
C GLU D 31 9.22 0.79 25.62
N ASN D 32 8.88 1.90 26.27
CA ASN D 32 7.50 2.32 26.44
C ASN D 32 6.86 2.59 25.08
N VAL D 33 7.57 3.34 24.24
CA VAL D 33 7.10 3.67 22.88
C VAL D 33 6.83 2.41 22.07
N LYS D 34 7.73 1.42 22.16
CA LYS D 34 7.55 0.15 21.46
C LYS D 34 6.33 -0.62 21.97
N ALA D 35 6.07 -0.54 23.27
CA ALA D 35 4.87 -1.14 23.87
C ALA D 35 3.59 -0.47 23.35
N LYS D 36 3.65 0.84 23.15
CA LYS D 36 2.54 1.59 22.57
C LYS D 36 2.27 1.20 21.11
N ILE D 37 3.35 0.93 20.38
CA ILE D 37 3.24 0.47 18.99
C ILE D 37 2.60 -0.91 18.96
N GLN D 38 3.08 -1.80 19.84
CA GLN D 38 2.48 -3.13 20.02
C GLN D 38 1.00 -3.04 20.36
N ASP D 39 0.63 -2.07 21.19
CA ASP D 39 -0.75 -1.88 21.63
C ASP D 39 -1.69 -1.52 20.46
N LYS D 40 -1.17 -0.79 19.47
CA LYS D 40 -1.95 -0.41 18.30
C LYS D 40 -1.90 -1.46 17.18
N GLU D 41 -0.70 -1.95 16.88
CA GLU D 41 -0.46 -2.81 15.71
C GLU D 41 -0.29 -4.31 16.02
N GLY D 42 0.02 -4.63 17.28
CA GLY D 42 0.26 -6.02 17.68
C GLY D 42 1.64 -6.55 17.31
N ILE D 43 2.58 -5.64 17.02
CA ILE D 43 3.93 -6.03 16.63
C ILE D 43 4.79 -6.19 17.90
N PRO D 44 5.43 -7.36 18.11
CA PRO D 44 6.26 -7.58 19.30
C PRO D 44 7.46 -6.62 19.42
N PRO D 45 7.63 -5.98 20.59
CA PRO D 45 8.71 -4.99 20.78
C PRO D 45 10.12 -5.50 20.50
N ASP D 46 10.37 -6.79 20.77
CA ASP D 46 11.70 -7.36 20.52
C ASP D 46 12.03 -7.38 19.02
N GLN D 47 11.00 -7.45 18.19
CA GLN D 47 11.17 -7.45 16.73
C GLN D 47 11.13 -6.04 16.12
N GLN D 48 10.87 -5.03 16.96
CA GLN D 48 10.84 -3.64 16.52
C GLN D 48 12.19 -2.96 16.69
N ARG D 49 12.52 -2.09 15.74
CA ARG D 49 13.65 -1.17 15.90
C ARG D 49 13.21 0.21 15.39
N LEU D 50 13.46 1.25 16.19
CA LEU D 50 13.06 2.61 15.85
C LEU D 50 14.25 3.44 15.39
N ILE D 51 14.01 4.31 14.41
CA ILE D 51 15.05 5.17 13.85
C ILE D 51 14.58 6.63 13.81
N PHE D 52 15.45 7.54 14.26
CA PHE D 52 15.19 8.98 14.20
C PHE D 52 16.44 9.71 13.73
N ALA D 53 16.31 10.51 12.67
CA ALA D 53 17.43 11.22 12.09
C ALA D 53 18.58 10.27 11.69
N GLY D 54 18.22 9.08 11.23
CA GLY D 54 19.21 8.07 10.80
C GLY D 54 19.81 7.20 11.89
N LYS D 55 19.63 7.58 13.17
CA LYS D 55 20.24 6.85 14.28
C LYS D 55 19.25 5.91 14.97
N GLN D 56 19.74 4.74 15.39
CA GLN D 56 18.94 3.73 16.06
C GLN D 56 18.73 4.10 17.53
N LEU D 57 17.49 4.01 17.99
CA LEU D 57 17.14 4.38 19.37
C LEU D 57 17.21 3.16 20.30
N GLU D 58 17.93 3.26 21.41
CA GLU D 58 18.05 2.16 22.36
C GLU D 58 17.00 2.24 23.49
N ASP D 59 16.64 1.09 24.04
CA ASP D 59 15.46 0.92 24.89
C ASP D 59 15.46 1.70 26.21
N GLY D 60 16.63 1.86 26.81
CA GLY D 60 16.75 2.50 28.12
C GLY D 60 16.71 4.03 28.11
N ARG D 61 16.77 4.63 26.93
CA ARG D 61 16.78 6.09 26.78
C ARG D 61 15.37 6.64 26.65
N THR D 62 15.20 7.94 26.95
CA THR D 62 13.92 8.61 26.77
C THR D 62 13.88 9.34 25.43
N LEU D 63 12.68 9.72 25.01
CA LEU D 63 12.51 10.50 23.78
C LEU D 63 13.26 11.83 23.86
N SER D 64 13.29 12.43 25.04
CA SER D 64 14.03 13.67 25.29
C SER D 64 15.55 13.51 25.14
N ASP D 65 16.08 12.32 25.43
CA ASP D 65 17.50 12.05 25.22
C ASP D 65 17.89 12.23 23.74
N TYR D 66 16.97 11.91 22.84
CA TYR D 66 17.21 12.03 21.39
C TYR D 66 16.62 13.31 20.79
N ASN D 67 16.11 14.20 21.64
CA ASN D 67 15.45 15.44 21.22
C ASN D 67 14.29 15.21 20.27
N ILE D 68 13.50 14.18 20.56
CA ILE D 68 12.29 13.87 19.80
C ILE D 68 11.16 14.74 20.35
N GLN D 69 10.63 15.62 19.51
CA GLN D 69 9.68 16.64 19.92
C GLN D 69 8.30 16.40 19.31
N LYS D 70 7.36 17.29 19.65
CA LYS D 70 6.01 17.28 19.08
C LYS D 70 6.04 17.16 17.55
N GLU D 71 5.25 16.24 17.01
CA GLU D 71 5.12 16.01 15.56
C GLU D 71 6.40 15.47 14.90
N SER D 72 7.30 14.89 15.70
CA SER D 72 8.47 14.20 15.14
C SER D 72 7.99 12.92 14.47
N THR D 73 8.75 12.48 13.46
CA THR D 73 8.46 11.23 12.76
C THR D 73 9.58 10.22 13.04
N LEU D 74 9.20 9.06 13.57
CA LEU D 74 10.12 7.94 13.75
C LEU D 74 9.85 6.90 12.67
N HIS D 75 10.89 6.16 12.28
CA HIS D 75 10.74 5.07 11.32
C HIS D 75 10.85 3.71 12.00
N LEU D 76 9.89 2.83 11.72
CA LEU D 76 9.83 1.50 12.31
C LEU D 76 10.34 0.47 11.30
N VAL D 77 11.26 -0.39 11.74
CA VAL D 77 11.78 -1.47 10.91
C VAL D 77 11.77 -2.78 11.68
N LEU D 78 11.74 -3.89 10.95
CA LEU D 78 11.74 -5.23 11.54
C LEU D 78 13.15 -5.70 11.83
N ARG D 79 13.30 -6.45 12.91
CA ARG D 79 14.54 -7.15 13.20
C ARG D 79 14.23 -8.52 13.78
N LEU D 80 14.44 -9.57 12.98
CA LEU D 80 14.15 -10.93 13.39
C LEU D 80 15.25 -11.45 14.31
#